data_5ESN
#
_entry.id   5ESN
#
_cell.length_a   77.520
_cell.length_b   65.950
_cell.length_c   80.950
_cell.angle_alpha   90.00
_cell.angle_beta   98.84
_cell.angle_gamma   90.00
#
_symmetry.space_group_name_H-M   'P 1 21 1'
#
loop_
_entity.id
_entity.type
_entity.pdbx_description
1 polymer 'Lanosterol 14-alpha demethylase'
2 non-polymer 'PROTOPORPHYRIN IX CONTAINING FE'
3 water water
#
_entity_poly.entity_id   1
_entity_poly.type   'polypeptide(L)'
_entity_poly.pdbx_seq_one_letter_code
;MSATKSIVGEALEYVNIGLSHFLALPLAQRISLIIIIPFIYNIVWQLLYSLRKDRPPLVFYWIPWVGSAVVYGMKPYEFF
EECQKKYGDIFSFVLLGRVMTVYLGPKGHEFVFNAKLADVSAEAAYAHLTTPVFGKGVIYDCPNSRLMEQKKFVKGALTK
EAFKSYVPLIAEEVYKYFRDSKNFRLNERTTGTIDVMVTQPEMTIFTASRSLLGKEMRAKLDTDFAYLYSDLDKGFTPIN
FVFPNLPLEHYRKRDHAQKAISGTYMSLIKERRKNNDIQDRDLIDSLMKNSTYKDGVKMTDQEIANLLIGVLMGGQHTSA
AISAWILLHLAERPDVQQELYEEQMRVLDGGKKELTYDLLQEMPLLNQTIKETLRMHHPLHSLFRKVMKDMHVPNTSYVI
PAGYHVLVSPGYTHLRDEYFPNAHQFNIHRWNNDSASSYSVGEEVDYGFGAISKGVSSPYLPFGGGRHRCIGEHFAYCQL
GVLMSIFIRTLKWHYPEGKTVPPPDFTSMVTLPTGPAKIIWEKRNPEQKIGGRHHHHHH
;
_entity_poly.pdbx_strand_id   A
#
loop_
_chem_comp.id
_chem_comp.type
_chem_comp.name
_chem_comp.formula
HEM non-polymer 'PROTOPORPHYRIN IX CONTAINING FE' 'C34 H32 Fe N4 O4'
#
# COMPACT_ATOMS: atom_id res chain seq x y z
N ILE A 7 -32.93 37.04 43.94
CA ILE A 7 -33.04 35.59 43.97
C ILE A 7 -32.64 34.98 42.62
N VAL A 8 -31.49 34.32 42.61
CA VAL A 8 -31.14 33.37 41.56
C VAL A 8 -30.94 31.96 42.10
N GLY A 9 -30.96 31.79 43.42
CA GLY A 9 -31.06 30.46 43.99
C GLY A 9 -32.29 29.73 43.51
N GLU A 10 -33.39 30.47 43.24
CA GLU A 10 -34.59 29.83 42.74
C GLU A 10 -34.38 29.21 41.37
N ALA A 11 -33.46 29.77 40.59
CA ALA A 11 -33.11 29.15 39.31
C ALA A 11 -32.33 27.87 39.53
N LEU A 12 -31.43 27.88 40.52
CA LEU A 12 -30.66 26.67 40.83
C LEU A 12 -31.56 25.55 41.34
N GLU A 13 -32.63 25.87 42.06
CA GLU A 13 -33.59 24.85 42.47
C GLU A 13 -34.23 24.18 41.26
N TYR A 14 -34.64 24.97 40.26
CA TYR A 14 -35.30 24.39 39.08
C TYR A 14 -34.34 23.64 38.17
N VAL A 15 -33.03 23.92 38.25
CA VAL A 15 -32.05 23.07 37.60
C VAL A 15 -32.13 21.65 38.17
N ASN A 16 -32.11 21.54 39.51
CA ASN A 16 -32.21 20.24 40.16
C ASN A 16 -33.55 19.58 39.88
N ILE A 17 -34.64 20.37 39.88
CA ILE A 17 -35.96 19.85 39.53
C ILE A 17 -35.98 19.37 38.09
N GLY A 18 -35.44 20.19 37.18
CA GLY A 18 -35.41 19.81 35.78
C GLY A 18 -34.62 18.53 35.54
N LEU A 19 -33.46 18.40 36.18
CA LEU A 19 -32.71 17.15 36.11
C LEU A 19 -33.51 15.98 36.68
N SER A 20 -34.31 16.24 37.72
CA SER A 20 -35.14 15.19 38.29
C SER A 20 -36.24 14.77 37.32
N HIS A 21 -36.87 15.73 36.65
CA HIS A 21 -37.92 15.37 35.70
C HIS A 21 -37.33 14.71 34.46
N PHE A 22 -36.14 15.11 34.04
CA PHE A 22 -35.46 14.42 32.95
C PHE A 22 -35.36 12.92 33.22
N LEU A 23 -34.82 12.55 34.39
CA LEU A 23 -34.62 11.15 34.70
C LEU A 23 -35.93 10.37 34.78
N ALA A 24 -37.05 11.04 35.02
CA ALA A 24 -38.34 10.38 35.09
C ALA A 24 -39.07 10.31 33.76
N LEU A 25 -38.40 10.69 32.67
CA LEU A 25 -39.10 10.75 31.38
C LEU A 25 -39.49 9.36 30.89
N PRO A 26 -40.63 9.24 30.22
CA PRO A 26 -41.00 7.97 29.56
C PRO A 26 -39.88 7.52 28.61
N LEU A 27 -39.66 6.20 28.59
CA LEU A 27 -38.47 5.65 27.93
C LEU A 27 -38.40 6.02 26.45
N ALA A 28 -39.54 6.14 25.77
CA ALA A 28 -39.51 6.56 24.38
C ALA A 28 -38.99 7.99 24.25
N GLN A 29 -39.29 8.85 25.23
CA GLN A 29 -38.76 10.21 25.21
C GLN A 29 -37.30 10.26 25.63
N ARG A 30 -36.84 9.31 26.42
CA ARG A 30 -35.44 9.30 26.85
C ARG A 30 -34.54 8.88 25.70
N ILE A 31 -34.80 7.70 25.12
CA ILE A 31 -34.05 7.24 23.95
C ILE A 31 -34.10 8.28 22.85
N SER A 32 -35.29 8.85 22.61
CA SER A 32 -35.39 9.94 21.65
C SER A 32 -34.46 11.08 22.00
N LEU A 33 -34.32 11.40 23.30
CA LEU A 33 -33.41 12.45 23.71
C LEU A 33 -31.96 12.00 23.65
N ILE A 34 -31.70 10.70 23.84
CA ILE A 34 -30.34 10.19 23.75
C ILE A 34 -29.82 10.36 22.32
N ILE A 35 -30.71 10.35 21.33
CA ILE A 35 -30.28 10.57 19.96
C ILE A 35 -30.17 12.07 19.66
N ILE A 36 -31.25 12.82 19.93
CA ILE A 36 -31.30 14.18 19.42
C ILE A 36 -30.30 15.10 20.14
N ILE A 37 -29.95 14.79 21.38
CA ILE A 37 -29.11 15.71 22.15
C ILE A 37 -27.68 15.69 21.62
N PRO A 38 -27.03 14.53 21.41
CA PRO A 38 -25.73 14.55 20.71
C PRO A 38 -25.82 15.11 19.30
N PHE A 39 -26.91 14.80 18.58
CA PHE A 39 -27.10 15.35 17.26
C PHE A 39 -27.13 16.88 17.29
N ILE A 40 -27.96 17.45 18.17
CA ILE A 40 -28.07 18.91 18.22
C ILE A 40 -26.74 19.50 18.66
N TYR A 41 -26.14 18.92 19.69
CA TYR A 41 -24.88 19.44 20.19
C TYR A 41 -23.77 19.35 19.14
N ASN A 42 -23.80 18.31 18.30
CA ASN A 42 -22.81 18.17 17.24
C ASN A 42 -22.92 19.32 16.25
N ILE A 43 -24.13 19.61 15.78
CA ILE A 43 -24.35 20.74 14.89
C ILE A 43 -23.97 22.05 15.58
N VAL A 44 -24.28 22.17 16.87
CA VAL A 44 -23.91 23.37 17.61
C VAL A 44 -22.40 23.50 17.68
N TRP A 45 -21.69 22.38 17.84
CA TRP A 45 -20.25 22.41 18.02
C TRP A 45 -19.54 22.77 16.70
N GLN A 46 -20.01 22.22 15.58
CA GLN A 46 -19.38 22.56 14.30
C GLN A 46 -19.51 24.05 13.99
N LEU A 47 -20.66 24.64 14.29
CA LEU A 47 -20.84 26.07 14.00
C LEU A 47 -19.88 26.92 14.82
N LEU A 48 -19.72 26.58 16.10
CA LEU A 48 -18.77 27.30 16.93
C LEU A 48 -17.33 27.07 16.47
N TYR A 49 -17.01 25.82 16.10
CA TYR A 49 -15.67 25.50 15.63
C TYR A 49 -15.27 26.36 14.43
N SER A 50 -16.21 26.58 13.50
CA SER A 50 -15.95 27.36 12.29
C SER A 50 -15.57 28.81 12.57
N LEU A 51 -15.69 29.26 13.81
CA LEU A 51 -15.28 30.62 14.17
C LEU A 51 -13.78 30.70 14.46
N ARG A 52 -13.18 29.61 14.91
CA ARG A 52 -11.74 29.60 15.18
C ARG A 52 -10.96 29.91 13.91
N LYS A 53 -9.99 30.81 14.02
CA LYS A 53 -9.10 31.11 12.91
C LYS A 53 -7.77 30.38 13.03
N ASP A 54 -7.56 29.63 14.09
CA ASP A 54 -6.35 28.81 14.28
C ASP A 54 -6.60 27.35 13.94
N ARG A 55 -7.73 27.04 13.30
CA ARG A 55 -8.10 25.71 12.86
C ARG A 55 -8.43 25.74 11.38
N PRO A 56 -8.03 24.73 10.62
CA PRO A 56 -8.50 24.60 9.25
C PRO A 56 -10.00 24.40 9.23
N PRO A 57 -10.68 24.76 8.13
CA PRO A 57 -12.10 24.46 8.02
C PRO A 57 -12.39 22.98 8.23
N LEU A 58 -13.52 22.69 8.85
CA LEU A 58 -13.97 21.34 9.10
C LEU A 58 -15.17 21.05 8.20
N VAL A 59 -15.08 19.97 7.42
CA VAL A 59 -16.20 19.59 6.57
C VAL A 59 -17.42 19.29 7.42
N PHE A 60 -18.55 19.92 7.07
CA PHE A 60 -19.77 19.70 7.83
C PHE A 60 -20.27 18.27 7.63
N TYR A 61 -20.88 17.73 8.67
CA TYR A 61 -21.42 16.37 8.63
C TYR A 61 -22.62 16.30 9.57
N TRP A 62 -23.57 15.41 9.24
CA TRP A 62 -24.81 15.25 9.98
C TRP A 62 -24.70 14.25 11.13
N ILE A 63 -24.23 13.04 10.84
CA ILE A 63 -24.17 11.99 11.85
C ILE A 63 -22.96 12.19 12.76
N PRO A 64 -23.17 12.26 14.07
CA PRO A 64 -22.03 12.33 14.99
C PRO A 64 -21.19 11.07 14.92
N TRP A 65 -19.92 11.22 15.31
CA TRP A 65 -18.93 10.16 15.30
C TRP A 65 -18.62 9.62 13.90
N VAL A 66 -19.64 9.27 13.12
CA VAL A 66 -19.42 8.72 11.79
C VAL A 66 -18.67 9.73 10.92
N GLY A 67 -19.15 10.98 10.89
CA GLY A 67 -18.51 12.01 10.10
C GLY A 67 -18.71 11.80 8.61
N SER A 68 -17.69 12.17 7.83
CA SER A 68 -17.72 12.00 6.38
C SER A 68 -17.23 10.61 5.93
N ALA A 69 -17.31 9.62 6.83
CA ALA A 69 -16.72 8.31 6.59
C ALA A 69 -17.24 7.66 5.31
N VAL A 70 -18.53 7.85 5.02
CA VAL A 70 -19.15 7.15 3.90
C VAL A 70 -18.64 7.70 2.58
N VAL A 71 -18.63 9.02 2.43
CA VAL A 71 -18.19 9.58 1.16
C VAL A 71 -16.68 9.49 1.03
N TYR A 72 -15.94 9.70 2.12
CA TYR A 72 -14.50 9.50 2.07
C TYR A 72 -14.15 8.06 1.72
N GLY A 73 -14.81 7.10 2.38
CA GLY A 73 -14.48 5.70 2.17
C GLY A 73 -14.76 5.23 0.75
N MET A 74 -15.84 5.71 0.15
CA MET A 74 -16.23 5.20 -1.17
C MET A 74 -15.53 5.94 -2.30
N LYS A 75 -15.40 7.26 -2.22
CA LYS A 75 -14.82 8.05 -3.31
C LYS A 75 -13.91 9.13 -2.73
N PRO A 76 -12.76 8.71 -2.17
CA PRO A 76 -11.90 9.69 -1.47
C PRO A 76 -11.36 10.79 -2.37
N TYR A 77 -11.08 10.53 -3.65
CA TYR A 77 -10.51 11.60 -4.47
C TYR A 77 -11.57 12.60 -4.90
N GLU A 78 -12.81 12.13 -5.16
CA GLU A 78 -13.91 13.05 -5.41
C GLU A 78 -14.23 13.86 -4.16
N PHE A 79 -14.14 13.23 -2.98
CA PHE A 79 -14.29 13.96 -1.73
C PHE A 79 -13.24 15.06 -1.59
N PHE A 80 -11.96 14.70 -1.78
CA PHE A 80 -10.90 15.70 -1.71
C PHE A 80 -11.09 16.80 -2.75
N GLU A 81 -11.57 16.47 -3.94
CA GLU A 81 -11.73 17.49 -4.98
C GLU A 81 -12.80 18.51 -4.60
N GLU A 82 -13.97 18.03 -4.14
CA GLU A 82 -15.00 18.96 -3.69
C GLU A 82 -14.55 19.77 -2.49
N CYS A 83 -13.83 19.15 -1.55
CA CYS A 83 -13.34 19.89 -0.39
C CYS A 83 -12.31 20.93 -0.80
N GLN A 84 -11.41 20.57 -1.72
CA GLN A 84 -10.40 21.52 -2.17
C GLN A 84 -11.06 22.74 -2.83
N LYS A 85 -12.12 22.52 -3.62
CA LYS A 85 -12.81 23.64 -4.27
C LYS A 85 -13.41 24.58 -3.24
N LYS A 86 -14.06 24.04 -2.19
CA LYS A 86 -14.72 24.88 -1.21
C LYS A 86 -13.73 25.52 -0.24
N TYR A 87 -12.63 24.82 0.11
CA TYR A 87 -11.81 25.25 1.23
C TYR A 87 -10.33 25.45 0.94
N GLY A 88 -9.85 25.13 -0.28
CA GLY A 88 -8.41 25.13 -0.52
C GLY A 88 -7.76 23.83 -0.10
N ASP A 89 -6.45 23.88 0.13
CA ASP A 89 -5.64 22.67 0.24
C ASP A 89 -5.59 22.08 1.65
N ILE A 90 -5.96 22.83 2.68
CA ILE A 90 -5.92 22.36 4.06
C ILE A 90 -7.34 22.38 4.60
N PHE A 91 -7.84 21.21 5.00
CA PHE A 91 -9.16 21.11 5.61
C PHE A 91 -9.19 19.86 6.47
N SER A 92 -10.12 19.84 7.41
CA SER A 92 -10.29 18.70 8.29
C SER A 92 -11.65 18.07 8.05
N PHE A 93 -11.77 16.81 8.47
CA PHE A 93 -13.03 16.11 8.41
C PHE A 93 -13.02 15.02 9.45
N VAL A 94 -14.20 14.71 9.96
CA VAL A 94 -14.34 13.70 11.01
C VAL A 94 -14.54 12.35 10.35
N LEU A 95 -13.89 11.33 10.91
CA LEU A 95 -13.87 10.00 10.32
C LEU A 95 -13.92 9.00 11.47
N LEU A 96 -15.11 8.44 11.72
CA LEU A 96 -15.28 7.37 12.71
C LEU A 96 -14.59 7.69 14.03
N GLY A 97 -14.85 8.88 14.56
CA GLY A 97 -14.33 9.29 15.85
C GLY A 97 -13.02 10.03 15.83
N ARG A 98 -12.33 10.10 14.69
CA ARG A 98 -11.07 10.79 14.58
C ARG A 98 -11.25 12.01 13.69
N VAL A 99 -10.49 13.06 13.98
CA VAL A 99 -10.45 14.24 13.12
C VAL A 99 -9.23 14.13 12.23
N MET A 100 -9.45 14.08 10.93
CA MET A 100 -8.38 14.01 9.94
C MET A 100 -8.20 15.39 9.32
N THR A 101 -6.98 15.92 9.40
CA THR A 101 -6.60 17.13 8.68
C THR A 101 -5.85 16.75 7.42
N VAL A 102 -6.44 17.04 6.27
CA VAL A 102 -5.87 16.78 4.95
C VAL A 102 -5.07 18.00 4.50
N TYR A 103 -3.89 17.76 3.94
CA TYR A 103 -3.10 18.81 3.30
C TYR A 103 -2.73 18.33 1.90
N LEU A 104 -3.44 18.85 0.89
CA LEU A 104 -3.31 18.40 -0.49
C LEU A 104 -2.18 19.12 -1.21
N GLY A 105 -1.57 18.42 -2.16
CA GLY A 105 -0.56 19.00 -3.02
C GLY A 105 0.82 18.93 -2.41
N PRO A 106 1.82 19.41 -3.16
CA PRO A 106 3.23 19.22 -2.74
C PRO A 106 3.57 19.81 -1.38
N LYS A 107 3.02 20.97 -1.02
CA LYS A 107 3.25 21.50 0.32
C LYS A 107 2.66 20.59 1.39
N GLY A 108 1.60 19.85 1.05
CA GLY A 108 1.10 18.84 1.95
C GLY A 108 2.07 17.69 2.10
N HIS A 109 2.69 17.26 0.98
CA HIS A 109 3.71 16.23 1.08
C HIS A 109 4.81 16.66 2.05
N GLU A 110 5.24 17.92 1.96
CA GLU A 110 6.27 18.43 2.87
C GLU A 110 5.78 18.45 4.31
N PHE A 111 4.57 18.99 4.53
CA PHE A 111 4.02 19.06 5.88
C PHE A 111 3.99 17.70 6.57
N VAL A 112 3.54 16.66 5.86
CA VAL A 112 3.31 15.37 6.49
C VAL A 112 4.53 14.45 6.38
N PHE A 113 5.14 14.32 5.19
CA PHE A 113 6.22 13.34 5.06
C PHE A 113 7.51 13.81 5.72
N ASN A 114 7.74 15.13 5.80
CA ASN A 114 8.94 15.67 6.43
C ASN A 114 8.67 16.24 7.81
N ALA A 115 7.55 15.87 8.42
CA ALA A 115 7.24 16.33 9.77
C ALA A 115 8.25 15.76 10.77
N LYS A 116 8.56 16.56 11.79
CA LYS A 116 9.52 16.14 12.79
C LYS A 116 9.01 14.91 13.53
N LEU A 117 9.95 14.03 13.88
CA LEU A 117 9.63 12.82 14.64
C LEU A 117 8.84 13.12 15.91
N ALA A 118 9.11 14.26 16.54
CA ALA A 118 8.37 14.64 17.74
C ALA A 118 6.92 14.99 17.41
N ASP A 119 6.67 15.53 16.21
CA ASP A 119 5.37 16.11 15.89
C ASP A 119 4.31 15.06 15.59
N VAL A 120 4.69 13.95 14.93
CA VAL A 120 3.72 12.98 14.41
C VAL A 120 4.25 11.57 14.60
N SER A 121 3.32 10.62 14.58
CA SER A 121 3.66 9.21 14.76
C SER A 121 2.93 8.37 13.73
N ALA A 122 3.67 7.63 12.89
CA ALA A 122 3.04 6.66 12.02
C ALA A 122 2.55 5.43 12.79
N GLU A 123 3.30 4.98 13.81
CA GLU A 123 2.92 3.76 14.49
C GLU A 123 1.63 3.94 15.29
N ALA A 124 1.44 5.12 15.89
CA ALA A 124 0.19 5.39 16.60
C ALA A 124 -1.01 5.40 15.66
N ALA A 125 -0.80 5.57 14.36
CA ALA A 125 -1.88 5.48 13.38
C ALA A 125 -2.08 4.07 12.84
N TYR A 126 -1.01 3.29 12.72
CA TYR A 126 -1.03 2.04 11.98
C TYR A 126 -0.95 0.79 12.83
N ALA A 127 -0.37 0.86 14.05
CA ALA A 127 0.00 -0.35 14.81
C ALA A 127 -1.21 -1.25 15.08
N HIS A 128 -2.35 -0.65 15.41
CA HIS A 128 -3.50 -1.45 15.80
C HIS A 128 -3.97 -2.35 14.67
N LEU A 129 -3.68 -1.98 13.44
CA LEU A 129 -4.00 -2.79 12.27
C LEU A 129 -2.91 -3.79 11.94
N THR A 130 -1.64 -3.38 11.97
CA THR A 130 -0.57 -4.20 11.45
C THR A 130 -0.04 -5.19 12.47
N THR A 131 0.01 -4.81 13.75
CA THR A 131 0.57 -5.70 14.76
C THR A 131 -0.12 -7.05 14.86
N PRO A 132 -1.47 -7.16 14.82
CA PRO A 132 -2.07 -8.50 14.80
C PRO A 132 -1.73 -9.31 13.55
N VAL A 133 -1.46 -8.66 12.42
CA VAL A 133 -1.15 -9.39 11.19
C VAL A 133 0.33 -9.81 11.15
N PHE A 134 1.23 -8.90 11.53
CA PHE A 134 2.66 -9.16 11.44
C PHE A 134 3.19 -9.89 12.67
N GLY A 135 2.75 -9.49 13.85
CA GLY A 135 3.30 -10.00 15.10
C GLY A 135 3.96 -8.88 15.90
N LYS A 136 4.44 -9.27 17.08
CA LYS A 136 4.97 -8.32 18.04
C LYS A 136 6.39 -7.90 17.69
N GLY A 137 6.76 -6.69 18.14
CA GLY A 137 8.13 -6.26 18.16
C GLY A 137 8.70 -5.68 16.88
N VAL A 138 7.93 -5.60 15.79
CA VAL A 138 8.46 -5.15 14.51
C VAL A 138 7.54 -4.10 13.88
N ILE A 139 8.12 -3.35 12.92
CA ILE A 139 7.43 -2.32 12.15
C ILE A 139 6.83 -1.27 13.06
N TYR A 140 5.54 -1.39 13.36
CA TYR A 140 4.84 -0.38 14.14
C TYR A 140 4.61 -0.80 15.60
N ASP A 141 5.05 -1.98 15.98
CA ASP A 141 5.01 -2.44 17.37
C ASP A 141 6.36 -2.27 18.05
N CYS A 142 6.94 -1.08 17.91
CA CYS A 142 8.27 -0.78 18.40
C CYS A 142 8.55 0.70 18.14
N PRO A 143 9.56 1.26 18.81
CA PRO A 143 9.91 2.66 18.56
C PRO A 143 10.40 2.90 17.15
N ASN A 144 10.35 4.16 16.72
CA ASN A 144 10.77 4.52 15.37
C ASN A 144 12.22 4.11 15.09
N SER A 145 13.11 4.24 16.08
CA SER A 145 14.51 3.90 15.86
C SER A 145 14.68 2.43 15.52
N ARG A 146 13.88 1.56 16.14
CA ARG A 146 13.87 0.15 15.78
C ARG A 146 13.41 -0.03 14.34
N LEU A 147 12.31 0.65 13.95
CA LEU A 147 11.82 0.58 12.57
C LEU A 147 12.90 1.00 11.58
N MET A 148 13.56 2.14 11.85
CA MET A 148 14.64 2.62 10.98
C MET A 148 15.69 1.53 10.76
N GLU A 149 16.02 0.78 11.82
CA GLU A 149 17.04 -0.24 11.69
C GLU A 149 16.51 -1.49 11.03
N GLN A 150 15.24 -1.83 11.28
CA GLN A 150 14.64 -2.95 10.56
C GLN A 150 14.63 -2.69 9.06
N LYS A 151 14.32 -1.46 8.66
CA LYS A 151 14.40 -1.10 7.24
C LYS A 151 15.83 -1.21 6.73
N LYS A 152 16.80 -0.79 7.55
CA LYS A 152 18.21 -0.96 7.20
C LYS A 152 18.55 -2.43 6.99
N PHE A 153 18.10 -3.30 7.91
CA PHE A 153 18.38 -4.73 7.75
C PHE A 153 17.80 -5.26 6.45
N VAL A 154 16.52 -4.97 6.18
CA VAL A 154 15.87 -5.47 4.97
C VAL A 154 16.54 -4.92 3.72
N LYS A 155 16.92 -3.63 3.72
CA LYS A 155 17.59 -3.05 2.55
C LYS A 155 18.87 -3.78 2.21
N GLY A 156 19.42 -4.58 3.14
CA GLY A 156 20.64 -5.33 2.90
C GLY A 156 20.47 -6.56 2.04
N ALA A 157 19.26 -7.07 1.91
CA ALA A 157 18.94 -8.02 0.84
C ALA A 157 18.34 -7.35 -0.39
N LEU A 158 18.38 -6.03 -0.48
CA LEU A 158 17.76 -5.38 -1.63
C LEU A 158 18.81 -4.55 -2.36
N THR A 159 19.92 -5.20 -2.70
CA THR A 159 21.04 -4.59 -3.41
C THR A 159 20.97 -4.97 -4.89
N LYS A 160 21.76 -4.25 -5.70
CA LYS A 160 21.86 -4.58 -7.12
C LYS A 160 22.27 -6.03 -7.33
N GLU A 161 23.18 -6.53 -6.48
CA GLU A 161 23.60 -7.92 -6.63
C GLU A 161 22.46 -8.86 -6.29
N ALA A 162 21.68 -8.53 -5.26
CA ALA A 162 20.52 -9.35 -4.97
C ALA A 162 19.55 -9.35 -6.16
N PHE A 163 19.27 -8.17 -6.74
CA PHE A 163 18.35 -8.13 -7.89
C PHE A 163 18.91 -8.89 -9.08
N LYS A 164 20.23 -8.84 -9.27
CA LYS A 164 20.82 -9.62 -10.35
C LYS A 164 20.51 -11.10 -10.22
N SER A 165 20.51 -11.63 -8.99
CA SER A 165 20.16 -13.03 -8.83
C SER A 165 18.65 -13.27 -8.72
N TYR A 166 17.85 -12.26 -8.37
CA TYR A 166 16.42 -12.48 -8.31
C TYR A 166 15.79 -12.60 -9.68
N VAL A 167 16.34 -11.89 -10.68
CA VAL A 167 15.69 -11.82 -11.99
C VAL A 167 15.45 -13.20 -12.60
N PRO A 168 16.45 -14.08 -12.73
CA PRO A 168 16.16 -15.42 -13.27
C PRO A 168 15.20 -16.22 -12.40
N LEU A 169 15.20 -16.00 -11.09
CA LEU A 169 14.24 -16.70 -10.22
C LEU A 169 12.82 -16.20 -10.48
N ILE A 170 12.64 -14.88 -10.57
CA ILE A 170 11.32 -14.33 -10.85
C ILE A 170 10.83 -14.81 -12.22
N ALA A 171 11.72 -14.76 -13.22
CA ALA A 171 11.36 -15.21 -14.57
C ALA A 171 10.89 -16.67 -14.55
N GLU A 172 11.62 -17.54 -13.84
CA GLU A 172 11.23 -18.94 -13.76
C GLU A 172 9.86 -19.10 -13.11
N GLU A 173 9.58 -18.38 -12.03
CA GLU A 173 8.26 -18.43 -11.43
C GLU A 173 7.16 -17.99 -12.41
N VAL A 174 7.42 -16.94 -13.21
CA VAL A 174 6.43 -16.50 -14.18
C VAL A 174 6.16 -17.61 -15.20
N TYR A 175 7.23 -18.21 -15.72
CA TYR A 175 7.07 -19.26 -16.72
C TYR A 175 6.36 -20.48 -16.15
N LYS A 176 6.68 -20.86 -14.90
CA LYS A 176 6.00 -21.99 -14.29
C LYS A 176 4.52 -21.68 -14.13
N TYR A 177 4.19 -20.43 -13.82
CA TYR A 177 2.80 -20.07 -13.67
C TYR A 177 2.06 -20.10 -15.01
N PHE A 178 2.71 -19.64 -16.08
CA PHE A 178 2.09 -19.79 -17.40
C PHE A 178 1.86 -21.27 -17.71
N ARG A 179 2.82 -22.11 -17.33
CA ARG A 179 2.76 -23.54 -17.65
C ARG A 179 1.73 -24.28 -16.81
N ASP A 180 1.64 -23.97 -15.50
CA ASP A 180 0.87 -24.81 -14.57
C ASP A 180 -0.46 -24.24 -14.13
N SER A 181 -0.61 -22.92 -14.02
CA SER A 181 -1.85 -22.38 -13.48
C SER A 181 -3.02 -22.69 -14.40
N LYS A 182 -4.16 -23.00 -13.79
CA LYS A 182 -5.39 -23.22 -14.55
C LYS A 182 -5.74 -22.00 -15.39
N ASN A 183 -5.30 -20.83 -14.95
CA ASN A 183 -5.63 -19.59 -15.64
C ASN A 183 -4.96 -19.48 -17.00
N PHE A 184 -3.87 -20.21 -17.22
CA PHE A 184 -3.11 -20.14 -18.45
C PHE A 184 -2.99 -21.53 -19.11
N ARG A 185 -2.05 -22.35 -18.66
CA ARG A 185 -1.76 -23.65 -19.27
C ARG A 185 -1.36 -23.47 -20.74
N LEU A 186 -0.22 -22.80 -20.95
CA LEU A 186 0.15 -22.36 -22.28
C LEU A 186 0.56 -23.52 -23.17
N ASN A 187 0.92 -24.67 -22.60
CA ASN A 187 1.26 -25.82 -23.42
C ASN A 187 0.01 -26.51 -23.97
N GLU A 188 -1.15 -26.23 -23.42
CA GLU A 188 -2.41 -26.83 -23.85
C GLU A 188 -3.37 -25.84 -24.45
N ARG A 189 -3.23 -24.56 -24.17
CA ARG A 189 -4.17 -23.56 -24.59
C ARG A 189 -3.41 -22.41 -25.22
N THR A 190 -3.94 -21.88 -26.33
CA THR A 190 -3.36 -20.75 -27.03
C THR A 190 -4.11 -19.45 -26.80
N THR A 191 -5.33 -19.51 -26.28
CA THR A 191 -6.09 -18.34 -25.86
C THR A 191 -6.85 -18.70 -24.60
N GLY A 192 -7.37 -17.69 -23.91
CA GLY A 192 -8.08 -17.89 -22.67
C GLY A 192 -8.50 -16.56 -22.06
N THR A 193 -9.35 -16.65 -21.04
CA THR A 193 -9.82 -15.49 -20.30
C THR A 193 -9.38 -15.58 -18.84
N ILE A 194 -8.92 -14.47 -18.28
CA ILE A 194 -8.49 -14.45 -16.89
C ILE A 194 -9.10 -13.24 -16.19
N ASP A 195 -9.27 -13.40 -14.87
CA ASP A 195 -9.57 -12.29 -13.97
C ASP A 195 -8.23 -11.87 -13.37
N VAL A 196 -7.78 -10.65 -13.69
CA VAL A 196 -6.44 -10.22 -13.27
C VAL A 196 -6.34 -10.07 -11.77
N MET A 197 -7.47 -9.94 -11.08
CA MET A 197 -7.46 -9.95 -9.62
C MET A 197 -7.35 -11.36 -9.03
N VAL A 198 -7.48 -12.39 -9.85
CA VAL A 198 -7.10 -13.74 -9.45
C VAL A 198 -5.65 -14.01 -9.78
N THR A 199 -5.20 -13.70 -11.01
CA THR A 199 -3.87 -14.15 -11.42
C THR A 199 -2.75 -13.31 -10.79
N GLN A 200 -2.97 -12.02 -10.59
CA GLN A 200 -1.87 -11.15 -10.20
C GLN A 200 -1.52 -11.35 -8.71
N PRO A 201 -2.48 -11.47 -7.79
CA PRO A 201 -2.10 -11.83 -6.41
C PRO A 201 -1.33 -13.14 -6.32
N GLU A 202 -1.69 -14.16 -7.12
CA GLU A 202 -0.94 -15.42 -7.11
C GLU A 202 0.45 -15.26 -7.70
N MET A 203 0.57 -14.54 -8.83
CA MET A 203 1.89 -14.38 -9.41
C MET A 203 2.79 -13.56 -8.50
N THR A 204 2.22 -12.57 -7.81
CA THR A 204 3.01 -11.75 -6.91
C THR A 204 3.54 -12.56 -5.74
N ILE A 205 2.70 -13.39 -5.11
CA ILE A 205 3.17 -14.16 -3.96
C ILE A 205 4.22 -15.20 -4.40
N PHE A 206 4.01 -15.84 -5.55
CA PHE A 206 4.98 -16.84 -6.02
C PHE A 206 6.34 -16.19 -6.29
N THR A 207 6.35 -15.02 -6.95
CA THR A 207 7.62 -14.39 -7.33
C THR A 207 8.32 -13.78 -6.12
N ALA A 208 7.56 -13.17 -5.22
CA ALA A 208 8.18 -12.56 -4.05
C ALA A 208 8.63 -13.62 -3.05
N SER A 209 7.86 -14.69 -2.86
CA SER A 209 8.30 -15.79 -2.00
C SER A 209 9.60 -16.38 -2.48
N ARG A 210 9.64 -16.80 -3.75
CA ARG A 210 10.81 -17.47 -4.28
C ARG A 210 12.07 -16.60 -4.16
N SER A 211 11.96 -15.31 -4.38
CA SER A 211 13.18 -14.51 -4.33
C SER A 211 13.48 -13.97 -2.94
N LEU A 212 12.47 -13.50 -2.20
CA LEU A 212 12.75 -12.93 -0.88
C LEU A 212 12.84 -13.98 0.23
N LEU A 213 12.01 -15.02 0.18
CA LEU A 213 11.97 -16.00 1.26
C LEU A 213 12.80 -17.23 0.97
N GLY A 214 12.93 -17.61 -0.28
CA GLY A 214 13.76 -18.72 -0.68
C GLY A 214 12.95 -19.87 -1.24
N LYS A 215 13.67 -20.90 -1.66
CA LYS A 215 13.02 -22.01 -2.33
C LYS A 215 12.11 -22.79 -1.39
N GLU A 216 12.55 -23.01 -0.13
CA GLU A 216 11.73 -23.78 0.83
C GLU A 216 10.36 -23.15 1.01
N MET A 217 10.32 -21.85 1.32
CA MET A 217 9.05 -21.16 1.49
C MET A 217 8.26 -21.14 0.20
N ARG A 218 8.95 -21.03 -0.93
CA ARG A 218 8.24 -21.14 -2.20
C ARG A 218 7.62 -22.52 -2.36
N ALA A 219 8.37 -23.57 -2.00
CA ALA A 219 7.82 -24.93 -2.10
C ALA A 219 6.57 -25.11 -1.23
N LYS A 220 6.54 -24.45 -0.08
CA LYS A 220 5.37 -24.58 0.78
C LYS A 220 4.13 -23.91 0.22
N LEU A 221 4.27 -23.13 -0.85
CA LEU A 221 3.11 -22.52 -1.47
C LEU A 221 2.39 -23.47 -2.41
N ASP A 222 3.03 -24.59 -2.80
CA ASP A 222 2.35 -25.65 -3.53
C ASP A 222 1.38 -26.46 -2.67
N THR A 223 1.34 -26.23 -1.35
CA THR A 223 0.51 -27.03 -0.46
C THR A 223 -0.61 -26.20 0.11
N ASP A 224 -1.40 -26.82 1.00
CA ASP A 224 -2.51 -26.15 1.68
C ASP A 224 -2.02 -25.06 2.62
N PHE A 225 -0.73 -25.09 2.98
CA PHE A 225 -0.12 -24.00 3.71
C PHE A 225 -0.38 -22.67 3.04
N ALA A 226 -0.50 -22.67 1.70
CA ALA A 226 -0.74 -21.45 0.96
C ALA A 226 -2.02 -20.76 1.40
N TYR A 227 -2.96 -21.50 1.97
CA TYR A 227 -4.22 -20.90 2.40
C TYR A 227 -4.05 -20.04 3.65
N LEU A 228 -3.01 -20.30 4.45
CA LEU A 228 -2.74 -19.45 5.60
C LEU A 228 -2.45 -18.01 5.20
N TYR A 229 -1.84 -17.80 4.02
CA TYR A 229 -1.61 -16.42 3.59
C TYR A 229 -2.91 -15.72 3.26
N SER A 230 -3.88 -16.46 2.74
CA SER A 230 -5.20 -15.87 2.51
C SER A 230 -5.88 -15.51 3.82
N ASP A 231 -5.80 -16.41 4.81
CA ASP A 231 -6.36 -16.13 6.13
C ASP A 231 -5.67 -14.94 6.78
N LEU A 232 -4.33 -14.91 6.71
CA LEU A 232 -3.60 -13.78 7.23
C LEU A 232 -4.02 -12.51 6.52
N ASP A 233 -4.22 -12.61 5.22
CA ASP A 233 -4.65 -11.48 4.39
C ASP A 233 -5.94 -10.86 4.90
N LYS A 234 -6.90 -11.69 5.30
CA LYS A 234 -8.22 -11.21 5.67
C LYS A 234 -8.24 -10.43 6.98
N GLY A 235 -7.18 -10.49 7.78
CA GLY A 235 -7.07 -9.58 8.90
C GLY A 235 -6.53 -8.22 8.53
N PHE A 236 -6.17 -8.06 7.26
CA PHE A 236 -5.61 -6.82 6.74
C PHE A 236 -6.69 -6.06 5.96
N THR A 237 -7.75 -5.69 6.66
CA THR A 237 -8.93 -5.02 6.12
C THR A 237 -9.16 -3.70 6.85
N PRO A 238 -9.70 -2.68 6.17
CA PRO A 238 -10.06 -1.44 6.87
C PRO A 238 -11.03 -1.63 8.03
N ILE A 239 -11.78 -2.73 8.09
CA ILE A 239 -12.66 -2.93 9.25
C ILE A 239 -11.81 -3.13 10.51
N ASN A 240 -10.64 -3.74 10.38
CA ASN A 240 -9.71 -3.82 11.51
C ASN A 240 -9.11 -2.46 11.86
N PHE A 241 -9.35 -1.43 11.05
CA PHE A 241 -8.91 -0.07 11.39
C PHE A 241 -9.72 0.52 12.54
N VAL A 242 -11.00 0.19 12.60
CA VAL A 242 -11.88 0.71 13.64
C VAL A 242 -12.14 -0.34 14.72
N PHE A 243 -12.24 -1.60 14.31
CA PHE A 243 -12.52 -2.71 15.22
C PHE A 243 -11.36 -3.69 15.13
N PRO A 244 -10.21 -3.36 15.73
CA PRO A 244 -9.01 -4.20 15.57
C PRO A 244 -9.14 -5.56 16.24
N ASN A 245 -10.01 -5.70 17.23
CA ASN A 245 -10.25 -7.00 17.86
C ASN A 245 -11.74 -7.14 18.13
N LEU A 246 -12.39 -7.96 17.29
CA LEU A 246 -13.72 -8.49 17.42
C LEU A 246 -13.64 -10.00 17.52
N PRO A 247 -14.38 -10.63 18.44
CA PRO A 247 -14.19 -12.08 18.67
C PRO A 247 -14.72 -12.98 17.55
N LEU A 248 -14.76 -12.47 16.32
CA LEU A 248 -15.32 -13.20 15.18
C LEU A 248 -14.32 -14.23 14.65
N GLU A 249 -14.74 -15.01 13.66
CA GLU A 249 -13.95 -16.15 13.19
C GLU A 249 -12.76 -15.72 12.34
N HIS A 250 -12.95 -14.74 11.46
CA HIS A 250 -11.83 -14.32 10.61
C HIS A 250 -10.75 -13.59 11.42
N TYR A 251 -11.11 -12.99 12.56
CA TYR A 251 -10.09 -12.44 13.44
C TYR A 251 -9.21 -13.51 14.03
N ARG A 252 -9.75 -14.70 14.27
CA ARG A 252 -8.94 -15.79 14.82
C ARG A 252 -8.25 -16.62 13.76
N LYS A 253 -8.78 -16.64 12.52
CA LYS A 253 -8.02 -17.26 11.44
C LYS A 253 -6.77 -16.43 11.13
N ARG A 254 -6.90 -15.10 11.18
CA ARG A 254 -5.73 -14.21 11.13
C ARG A 254 -4.71 -14.57 12.21
N ASP A 255 -5.13 -14.58 13.47
CA ASP A 255 -4.20 -14.86 14.56
C ASP A 255 -3.56 -16.23 14.40
N HIS A 256 -4.35 -17.22 14.00
CA HIS A 256 -3.81 -18.56 13.76
C HIS A 256 -2.81 -18.56 12.62
N ALA A 257 -3.14 -17.87 11.52
CA ALA A 257 -2.25 -17.81 10.37
C ALA A 257 -0.93 -17.14 10.73
N GLN A 258 -0.97 -16.07 11.52
CA GLN A 258 0.26 -15.39 11.89
C GLN A 258 1.17 -16.31 12.70
N LYS A 259 0.59 -17.12 13.59
CA LYS A 259 1.40 -18.04 14.37
C LYS A 259 1.95 -19.16 13.49
N ALA A 260 1.11 -19.68 12.58
CA ALA A 260 1.54 -20.82 11.78
C ALA A 260 2.59 -20.42 10.76
N ILE A 261 2.42 -19.25 10.12
CA ILE A 261 3.40 -18.79 9.15
C ILE A 261 4.69 -18.39 9.85
N SER A 262 4.62 -17.62 10.93
CA SER A 262 5.87 -17.26 11.60
C SER A 262 6.55 -18.47 12.20
N GLY A 263 5.76 -19.45 12.68
CA GLY A 263 6.33 -20.72 13.11
C GLY A 263 7.11 -21.42 12.00
N THR A 264 6.56 -21.40 10.77
CA THR A 264 7.26 -21.99 9.63
C THR A 264 8.56 -21.25 9.33
N TYR A 265 8.54 -19.91 9.30
CA TYR A 265 9.78 -19.16 9.10
C TYR A 265 10.80 -19.48 10.20
N MET A 266 10.35 -19.51 11.46
CA MET A 266 11.27 -19.80 12.56
C MET A 266 11.83 -21.22 12.47
N SER A 267 11.03 -22.18 12.04
CA SER A 267 11.56 -23.52 11.83
C SER A 267 12.69 -23.51 10.81
N LEU A 268 12.48 -22.83 9.67
CA LEU A 268 13.56 -22.73 8.69
C LEU A 268 14.77 -22.04 9.28
N ILE A 269 14.56 -20.95 10.01
CA ILE A 269 15.65 -20.19 10.60
C ILE A 269 16.48 -21.06 11.55
N LYS A 270 15.82 -21.68 12.53
CA LYS A 270 16.55 -22.48 13.52
C LYS A 270 17.21 -23.68 12.86
N GLU A 271 16.57 -24.23 11.83
CA GLU A 271 17.17 -25.28 11.01
C GLU A 271 18.48 -24.80 10.37
N ARG A 272 18.46 -23.63 9.73
CA ARG A 272 19.69 -23.14 9.09
C ARG A 272 20.79 -22.84 10.09
N ARG A 273 20.45 -22.35 11.28
CA ARG A 273 21.47 -22.12 12.28
C ARG A 273 22.03 -23.45 12.80
N LYS A 274 21.16 -24.45 12.97
CA LYS A 274 21.60 -25.75 13.44
C LYS A 274 22.64 -26.37 12.51
N ASN A 275 22.44 -26.27 11.19
CA ASN A 275 23.34 -26.88 10.22
C ASN A 275 24.42 -25.92 9.72
N ASN A 276 24.51 -24.72 10.29
CA ASN A 276 25.39 -23.66 9.78
C ASN A 276 25.18 -23.40 8.29
N ASP A 277 23.95 -23.61 7.80
CA ASP A 277 23.65 -23.37 6.39
C ASP A 277 23.05 -21.97 6.22
N ILE A 278 23.90 -20.97 6.43
CA ILE A 278 23.52 -19.58 6.28
C ILE A 278 24.36 -18.99 5.15
N GLN A 279 23.75 -18.85 3.97
CA GLN A 279 24.42 -18.30 2.80
C GLN A 279 24.03 -16.85 2.54
N ASP A 280 23.96 -16.48 1.26
CA ASP A 280 23.47 -15.20 0.79
C ASP A 280 22.36 -15.40 -0.22
N ARG A 281 21.49 -16.37 0.05
CA ARG A 281 20.44 -16.72 -0.90
C ARG A 281 19.29 -15.71 -0.86
N ASP A 282 18.75 -15.43 0.33
CA ASP A 282 17.46 -14.77 0.44
C ASP A 282 17.48 -13.81 1.61
N LEU A 283 16.31 -13.22 1.89
CA LEU A 283 16.22 -12.26 2.98
C LEU A 283 16.32 -12.94 4.34
N ILE A 284 15.96 -14.22 4.42
CA ILE A 284 16.11 -14.98 5.66
C ILE A 284 17.59 -15.11 6.03
N ASP A 285 18.42 -15.58 5.09
CA ASP A 285 19.88 -15.54 5.30
C ASP A 285 20.35 -14.16 5.74
N SER A 286 19.95 -13.13 4.98
CA SER A 286 20.40 -11.78 5.28
C SER A 286 20.06 -11.37 6.73
N LEU A 287 18.82 -11.62 7.16
CA LEU A 287 18.44 -11.21 8.51
C LEU A 287 19.10 -12.10 9.57
N MET A 288 19.38 -13.36 9.27
CA MET A 288 20.12 -14.18 10.23
C MET A 288 21.52 -13.62 10.46
N LYS A 289 22.15 -13.04 9.43
CA LYS A 289 23.49 -12.50 9.60
C LYS A 289 23.50 -11.03 9.95
N ASN A 290 22.35 -10.36 9.97
CA ASN A 290 22.36 -8.93 10.05
C ASN A 290 21.03 -8.47 10.67
N SER A 291 20.87 -8.71 11.97
CA SER A 291 19.66 -8.27 12.68
C SER A 291 19.98 -7.75 14.08
N THR A 292 21.18 -7.21 14.28
CA THR A 292 21.58 -6.68 15.58
C THR A 292 21.44 -5.17 15.56
N TYR A 293 20.63 -4.63 16.47
CA TYR A 293 20.43 -3.20 16.59
C TYR A 293 21.70 -2.51 17.10
N LYS A 294 21.67 -1.18 17.13
CA LYS A 294 22.90 -0.46 17.43
C LYS A 294 23.18 -0.35 18.93
N ASP A 295 22.22 -0.73 19.79
CA ASP A 295 22.48 -0.82 21.22
C ASP A 295 22.86 -2.23 21.64
N GLY A 296 23.22 -3.11 20.68
CA GLY A 296 23.62 -4.46 20.96
C GLY A 296 22.51 -5.50 20.94
N VAL A 297 21.25 -5.08 21.11
CA VAL A 297 20.14 -6.03 21.15
C VAL A 297 19.97 -6.69 19.78
N LYS A 298 19.81 -8.00 19.79
CA LYS A 298 19.54 -8.80 18.60
C LYS A 298 18.04 -9.03 18.45
N MET A 299 17.58 -9.08 17.20
CA MET A 299 16.20 -9.49 16.95
C MET A 299 16.04 -10.95 17.29
N THR A 300 14.90 -11.30 17.89
CA THR A 300 14.61 -12.71 18.15
C THR A 300 14.19 -13.40 16.85
N ASP A 301 14.22 -14.73 16.88
CA ASP A 301 13.72 -15.48 15.73
C ASP A 301 12.26 -15.18 15.47
N GLN A 302 11.50 -14.91 16.54
CA GLN A 302 10.11 -14.51 16.36
C GLN A 302 10.02 -13.17 15.64
N GLU A 303 10.88 -12.21 16.01
CA GLU A 303 10.78 -10.88 15.41
C GLU A 303 11.26 -10.91 13.97
N ILE A 304 12.31 -11.68 13.67
CA ILE A 304 12.73 -11.88 12.28
C ILE A 304 11.58 -12.42 11.44
N ALA A 305 10.92 -13.47 11.93
CA ALA A 305 9.75 -14.03 11.23
C ALA A 305 8.62 -13.01 11.09
N ASN A 306 8.35 -12.24 12.13
CA ASN A 306 7.31 -11.21 12.03
C ASN A 306 7.70 -10.14 11.01
N LEU A 307 8.99 -9.84 10.92
CA LEU A 307 9.45 -8.83 9.98
C LEU A 307 9.32 -9.33 8.54
N LEU A 308 9.66 -10.61 8.32
CA LEU A 308 9.49 -11.23 7.00
C LEU A 308 8.02 -11.19 6.56
N ILE A 309 7.09 -11.45 7.48
CA ILE A 309 5.67 -11.29 7.18
C ILE A 309 5.38 -9.85 6.74
N GLY A 310 5.81 -8.88 7.54
CA GLY A 310 5.57 -7.49 7.19
C GLY A 310 6.08 -7.16 5.81
N VAL A 311 7.33 -7.54 5.53
CA VAL A 311 7.98 -7.19 4.28
C VAL A 311 7.22 -7.79 3.09
N LEU A 312 6.91 -9.09 3.15
CA LEU A 312 6.16 -9.71 2.07
C LEU A 312 4.79 -9.07 1.91
N MET A 313 4.13 -8.76 3.03
CA MET A 313 2.81 -8.14 2.99
C MET A 313 2.87 -6.74 2.39
N GLY A 314 3.90 -5.96 2.72
CA GLY A 314 4.04 -4.62 2.17
C GLY A 314 4.28 -4.62 0.67
N GLY A 315 4.88 -5.69 0.15
CA GLY A 315 5.00 -5.83 -1.28
C GLY A 315 3.88 -6.55 -1.96
N GLN A 316 3.00 -7.22 -1.20
CA GLN A 316 2.01 -8.11 -1.81
C GLN A 316 0.93 -7.33 -2.54
N HIS A 317 0.19 -6.49 -1.81
CA HIS A 317 -0.99 -5.87 -2.41
C HIS A 317 -0.64 -4.69 -3.31
N THR A 318 0.43 -3.96 -2.98
CA THR A 318 0.88 -2.88 -3.85
C THR A 318 1.27 -3.41 -5.23
N SER A 319 2.10 -4.47 -5.26
CA SER A 319 2.61 -4.92 -6.54
C SER A 319 1.53 -5.64 -7.35
N ALA A 320 0.73 -6.50 -6.69
CA ALA A 320 -0.36 -7.18 -7.35
C ALA A 320 -1.37 -6.19 -7.94
N ALA A 321 -1.66 -5.12 -7.21
CA ALA A 321 -2.56 -4.11 -7.74
C ALA A 321 -1.96 -3.49 -8.99
N ILE A 322 -0.67 -3.16 -8.95
CA ILE A 322 -0.07 -2.42 -10.04
C ILE A 322 0.02 -3.28 -11.29
N SER A 323 0.37 -4.57 -11.14
CA SER A 323 0.45 -5.40 -12.34
C SER A 323 -0.93 -5.69 -12.88
N ALA A 324 -1.94 -5.74 -12.01
CA ALA A 324 -3.32 -5.81 -12.50
C ALA A 324 -3.66 -4.59 -13.34
N TRP A 325 -3.36 -3.38 -12.83
CA TRP A 325 -3.67 -2.16 -13.58
C TRP A 325 -2.87 -2.07 -14.89
N ILE A 326 -1.62 -2.53 -14.91
CA ILE A 326 -0.85 -2.50 -16.16
C ILE A 326 -1.50 -3.40 -17.20
N LEU A 327 -1.90 -4.62 -16.81
CA LEU A 327 -2.61 -5.49 -17.74
C LEU A 327 -3.88 -4.84 -18.23
N LEU A 328 -4.65 -4.23 -17.31
CA LEU A 328 -5.92 -3.61 -17.68
C LEU A 328 -5.74 -2.42 -18.61
N HIS A 329 -4.75 -1.56 -18.35
CA HIS A 329 -4.54 -0.43 -19.25
C HIS A 329 -4.01 -0.89 -20.61
N LEU A 330 -3.17 -1.92 -20.62
CA LEU A 330 -2.62 -2.35 -21.91
C LEU A 330 -3.62 -3.14 -22.74
N ALA A 331 -4.67 -3.70 -22.12
CA ALA A 331 -5.67 -4.48 -22.85
C ALA A 331 -6.44 -3.64 -23.86
N GLU A 332 -6.61 -2.34 -23.61
CA GLU A 332 -7.22 -1.45 -24.59
C GLU A 332 -6.20 -0.62 -25.36
N ARG A 333 -4.92 -0.96 -25.28
CA ARG A 333 -3.85 -0.18 -25.90
C ARG A 333 -2.90 -1.13 -26.61
N PRO A 334 -3.35 -1.78 -27.69
CA PRO A 334 -2.45 -2.64 -28.47
C PRO A 334 -1.30 -1.88 -29.11
N ASP A 335 -1.41 -0.55 -29.25
CA ASP A 335 -0.28 0.25 -29.70
C ASP A 335 0.83 0.26 -28.67
N VAL A 336 0.49 0.39 -27.39
CA VAL A 336 1.50 0.33 -26.35
C VAL A 336 2.11 -1.07 -26.27
N GLN A 337 1.27 -2.12 -26.37
CA GLN A 337 1.79 -3.50 -26.37
C GLN A 337 2.78 -3.71 -27.50
N GLN A 338 2.50 -3.13 -28.67
CA GLN A 338 3.37 -3.29 -29.83
C GLN A 338 4.68 -2.53 -29.65
N GLU A 339 4.60 -1.34 -29.09
CA GLU A 339 5.78 -0.55 -28.76
C GLU A 339 6.64 -1.21 -27.68
N LEU A 340 6.01 -1.81 -26.66
CA LEU A 340 6.79 -2.56 -25.67
C LEU A 340 7.39 -3.82 -26.28
N TYR A 341 6.64 -4.51 -27.13
CA TYR A 341 7.16 -5.69 -27.81
C TYR A 341 8.41 -5.35 -28.61
N GLU A 342 8.40 -4.22 -29.33
CA GLU A 342 9.56 -3.84 -30.15
C GLU A 342 10.78 -3.56 -29.27
N GLU A 343 10.59 -2.90 -28.13
CA GLU A 343 11.69 -2.67 -27.19
C GLU A 343 12.26 -4.01 -26.69
N GLN A 344 11.40 -4.98 -26.37
CA GLN A 344 11.89 -6.31 -25.98
C GLN A 344 12.77 -6.93 -27.06
N MET A 345 12.35 -6.83 -28.34
CA MET A 345 13.07 -7.47 -29.43
C MET A 345 14.41 -6.80 -29.70
N ARG A 346 14.49 -5.49 -29.51
CA ARG A 346 15.75 -4.79 -29.71
C ARG A 346 16.71 -5.03 -28.55
N VAL A 347 16.22 -4.98 -27.32
CA VAL A 347 17.13 -5.09 -26.17
C VAL A 347 17.56 -6.54 -25.93
N LEU A 348 16.71 -7.51 -26.27
CA LEU A 348 17.02 -8.92 -26.02
C LEU A 348 17.35 -9.66 -27.30
N ASP A 349 17.62 -8.95 -28.39
CA ASP A 349 18.07 -9.54 -29.65
C ASP A 349 17.09 -10.60 -30.15
N GLY A 350 15.86 -10.16 -30.38
CA GLY A 350 14.85 -11.07 -30.89
C GLY A 350 14.45 -12.16 -29.93
N GLY A 351 14.72 -11.98 -28.64
CA GLY A 351 14.51 -13.02 -27.67
C GLY A 351 15.69 -13.96 -27.48
N LYS A 352 16.78 -13.77 -28.23
CA LYS A 352 17.94 -14.63 -28.06
C LYS A 352 18.62 -14.39 -26.72
N LYS A 353 18.82 -13.12 -26.34
CA LYS A 353 19.42 -12.81 -25.04
C LYS A 353 18.48 -13.16 -23.89
N GLU A 354 19.07 -13.70 -22.82
CA GLU A 354 18.34 -13.94 -21.59
C GLU A 354 18.18 -12.64 -20.81
N LEU A 355 17.02 -12.50 -20.16
CA LEU A 355 16.73 -11.32 -19.36
C LEU A 355 17.64 -11.29 -18.13
N THR A 356 18.30 -10.16 -17.92
CA THR A 356 19.12 -9.90 -16.75
C THR A 356 18.68 -8.58 -16.15
N TYR A 357 19.09 -8.35 -14.90
CA TYR A 357 18.77 -7.09 -14.24
C TYR A 357 19.33 -5.90 -15.01
N ASP A 358 20.54 -6.02 -15.55
CA ASP A 358 21.12 -4.92 -16.31
C ASP A 358 20.32 -4.61 -17.57
N LEU A 359 19.85 -5.66 -18.26
CA LEU A 359 19.07 -5.42 -19.47
C LEU A 359 17.71 -4.80 -19.13
N LEU A 360 17.15 -5.10 -17.95
CA LEU A 360 15.94 -4.41 -17.50
C LEU A 360 16.15 -2.91 -17.45
N GLN A 361 17.36 -2.47 -17.12
CA GLN A 361 17.63 -1.03 -17.07
C GLN A 361 17.71 -0.41 -18.45
N GLU A 362 17.81 -1.21 -19.51
CA GLU A 362 17.83 -0.68 -20.87
C GLU A 362 16.48 -0.78 -21.56
N MET A 363 15.40 -0.95 -20.80
CA MET A 363 14.03 -0.97 -21.33
C MET A 363 13.25 0.22 -20.78
N PRO A 364 13.55 1.44 -21.26
CA PRO A 364 12.87 2.62 -20.71
C PRO A 364 11.35 2.58 -20.84
N LEU A 365 10.82 2.17 -21.99
CA LEU A 365 9.36 2.22 -22.17
C LEU A 365 8.65 1.28 -21.21
N LEU A 366 9.23 0.10 -20.96
CA LEU A 366 8.68 -0.81 -19.96
C LEU A 366 8.63 -0.15 -18.59
N ASN A 367 9.73 0.48 -18.19
CA ASN A 367 9.75 1.11 -16.88
C ASN A 367 8.86 2.36 -16.85
N GLN A 368 8.71 3.04 -17.98
CA GLN A 368 7.78 4.17 -18.04
C GLN A 368 6.35 3.70 -17.88
N THR A 369 6.06 2.50 -18.37
CA THR A 369 4.73 1.92 -18.21
C THR A 369 4.41 1.66 -16.74
N ILE A 370 5.37 1.10 -16.00
CA ILE A 370 5.23 0.95 -14.55
C ILE A 370 5.07 2.32 -13.90
N LYS A 371 5.93 3.26 -14.27
CA LYS A 371 5.88 4.59 -13.68
C LYS A 371 4.52 5.25 -13.89
N GLU A 372 3.95 5.08 -15.10
CA GLU A 372 2.67 5.71 -15.43
C GLU A 372 1.50 5.00 -14.74
N THR A 373 1.60 3.69 -14.53
CA THR A 373 0.57 3.00 -13.78
C THR A 373 0.59 3.40 -12.32
N LEU A 374 1.79 3.56 -11.75
CA LEU A 374 1.92 4.06 -10.38
C LEU A 374 1.40 5.48 -10.25
N ARG A 375 1.45 6.28 -11.33
CA ARG A 375 0.86 7.61 -11.24
C ARG A 375 -0.65 7.52 -11.21
N MET A 376 -1.24 6.76 -12.11
CA MET A 376 -2.69 6.74 -12.20
C MET A 376 -3.35 5.92 -11.11
N HIS A 377 -2.63 4.92 -10.60
CA HIS A 377 -3.23 3.97 -9.68
C HIS A 377 -2.31 3.77 -8.48
N HIS A 378 -1.95 4.86 -7.83
CA HIS A 378 -1.28 4.78 -6.53
C HIS A 378 -2.09 3.88 -5.59
N PRO A 379 -1.50 2.79 -5.08
CA PRO A 379 -2.32 1.81 -4.34
C PRO A 379 -2.72 2.28 -2.96
N LEU A 380 -2.11 3.33 -2.42
CA LEU A 380 -2.49 3.79 -1.09
C LEU A 380 -3.02 5.21 -1.26
N HIS A 381 -4.35 5.38 -1.27
CA HIS A 381 -4.88 6.70 -1.61
C HIS A 381 -4.63 7.71 -0.49
N SER A 382 -4.53 7.25 0.76
CA SER A 382 -4.29 8.11 1.92
C SER A 382 -3.18 7.52 2.78
N LEU A 383 -2.25 8.35 3.22
CA LEU A 383 -1.29 7.96 4.25
C LEU A 383 -1.54 8.79 5.50
N PHE A 384 -1.37 8.18 6.68
CA PHE A 384 -1.79 8.82 7.93
C PHE A 384 -0.65 8.94 8.92
N ARG A 385 -0.74 9.97 9.76
CA ARG A 385 0.01 10.10 10.99
C ARG A 385 -0.95 10.59 12.07
N LYS A 386 -0.67 10.22 13.32
CA LYS A 386 -1.33 10.86 14.45
C LYS A 386 -0.46 12.01 14.95
N VAL A 387 -1.08 13.16 15.15
CA VAL A 387 -0.37 14.33 15.64
C VAL A 387 -0.07 14.18 17.13
N MET A 388 1.19 14.35 17.51
CA MET A 388 1.64 14.16 18.88
C MET A 388 1.87 15.47 19.62
N LYS A 389 2.26 16.53 18.91
CA LYS A 389 2.36 17.87 19.47
C LYS A 389 1.68 18.85 18.53
N ASP A 390 1.20 19.95 19.07
CA ASP A 390 0.52 20.96 18.25
C ASP A 390 1.44 21.45 17.15
N MET A 391 0.92 21.52 15.93
CA MET A 391 1.69 21.89 14.75
C MET A 391 1.08 23.12 14.11
N HIS A 392 1.88 24.16 13.95
CA HIS A 392 1.47 25.30 13.16
C HIS A 392 1.77 25.00 11.70
N VAL A 393 0.82 25.29 10.82
CA VAL A 393 1.10 25.06 9.40
C VAL A 393 1.67 26.35 8.82
N PRO A 394 2.78 26.28 8.09
CA PRO A 394 3.47 27.50 7.62
C PRO A 394 2.59 28.38 6.76
N ASN A 395 2.78 29.69 6.92
CA ASN A 395 2.13 30.73 6.13
C ASN A 395 0.62 30.75 6.33
N THR A 396 0.15 30.14 7.41
CA THR A 396 -1.24 30.25 7.80
C THR A 396 -1.30 30.53 9.29
N SER A 397 -2.50 30.77 9.78
CA SER A 397 -2.73 30.88 11.21
C SER A 397 -3.17 29.56 11.84
N TYR A 398 -3.17 28.48 11.06
CA TYR A 398 -3.69 27.20 11.53
C TYR A 398 -2.75 26.52 12.50
N VAL A 399 -3.31 25.94 13.55
CA VAL A 399 -2.58 25.00 14.42
C VAL A 399 -3.35 23.68 14.42
N ILE A 400 -2.65 22.58 14.16
CA ILE A 400 -3.24 21.25 14.24
C ILE A 400 -2.94 20.70 15.63
N PRO A 401 -3.92 20.57 16.51
CA PRO A 401 -3.63 20.18 17.88
C PRO A 401 -3.24 18.71 17.95
N ALA A 402 -2.45 18.37 18.96
CA ALA A 402 -2.18 16.97 19.25
C ALA A 402 -3.50 16.22 19.44
N GLY A 403 -3.51 14.95 19.06
CA GLY A 403 -4.73 14.17 19.05
C GLY A 403 -5.43 14.11 17.71
N TYR A 404 -5.24 15.10 16.85
CA TYR A 404 -5.69 15.00 15.47
C TYR A 404 -4.83 14.02 14.67
N HIS A 405 -5.31 13.67 13.49
CA HIS A 405 -4.51 12.97 12.51
C HIS A 405 -4.29 13.86 11.30
N VAL A 406 -3.15 13.69 10.64
CA VAL A 406 -2.89 14.33 9.36
C VAL A 406 -2.93 13.27 8.27
N LEU A 407 -3.48 13.64 7.12
CA LEU A 407 -3.65 12.75 6.00
C LEU A 407 -2.96 13.39 4.81
N VAL A 408 -2.12 12.62 4.13
CA VAL A 408 -1.48 13.08 2.91
C VAL A 408 -1.87 12.11 1.80
N SER A 409 -2.02 12.65 0.59
CA SER A 409 -2.52 11.87 -0.55
C SER A 409 -1.77 12.26 -1.82
N PRO A 410 -0.51 11.82 -1.95
CA PRO A 410 0.18 12.00 -3.24
C PRO A 410 -0.59 11.39 -4.41
N GLY A 411 -1.33 10.31 -4.20
CA GLY A 411 -2.10 9.74 -5.31
C GLY A 411 -3.17 10.69 -5.85
N TYR A 412 -3.65 11.61 -5.02
CA TYR A 412 -4.57 12.63 -5.48
C TYR A 412 -3.86 13.64 -6.36
N THR A 413 -2.65 14.05 -5.97
CA THR A 413 -1.88 14.98 -6.79
C THR A 413 -1.48 14.34 -8.12
N HIS A 414 -1.28 13.01 -8.12
CA HIS A 414 -0.92 12.31 -9.35
C HIS A 414 -1.98 12.49 -10.42
N LEU A 415 -3.23 12.75 -10.01
CA LEU A 415 -4.35 12.88 -10.92
C LEU A 415 -4.77 14.34 -11.13
N ARG A 416 -3.94 15.31 -10.76
CA ARG A 416 -4.19 16.73 -11.02
C ARG A 416 -3.58 17.18 -12.35
N ASP A 417 -4.41 17.74 -13.23
CA ASP A 417 -3.96 18.30 -14.50
C ASP A 417 -2.88 19.38 -14.33
N GLU A 418 -2.89 20.12 -13.22
CA GLU A 418 -1.89 21.19 -13.04
C GLU A 418 -0.49 20.63 -13.10
N TYR A 419 -0.31 19.40 -12.58
CA TYR A 419 1.01 18.81 -12.52
C TYR A 419 1.22 17.72 -13.54
N PHE A 420 0.16 17.08 -14.03
CA PHE A 420 0.29 16.06 -15.05
C PHE A 420 -0.77 16.34 -16.09
N PRO A 421 -0.43 17.07 -17.14
CA PRO A 421 -1.43 17.46 -18.15
C PRO A 421 -2.21 16.26 -18.65
N ASN A 422 -3.54 16.41 -18.70
CA ASN A 422 -4.44 15.34 -19.12
C ASN A 422 -4.26 14.11 -18.22
N ALA A 423 -4.45 14.36 -16.92
CA ALA A 423 -4.00 13.45 -15.87
C ALA A 423 -4.73 12.11 -15.89
N HIS A 424 -5.90 12.03 -16.51
CA HIS A 424 -6.69 10.80 -16.54
C HIS A 424 -6.49 10.03 -17.82
N GLN A 425 -5.59 10.50 -18.66
CA GLN A 425 -5.14 9.74 -19.82
C GLN A 425 -3.89 8.95 -19.45
N PHE A 426 -3.88 7.68 -19.82
CA PHE A 426 -2.73 6.81 -19.64
C PHE A 426 -1.75 7.03 -20.78
N ASN A 427 -0.56 7.58 -20.46
CA ASN A 427 0.41 7.98 -21.49
C ASN A 427 1.82 7.74 -20.97
N ILE A 428 2.42 6.61 -21.39
CA ILE A 428 3.74 6.26 -20.89
C ILE A 428 4.81 7.20 -21.42
N HIS A 429 4.51 7.90 -22.52
CA HIS A 429 5.47 8.84 -23.12
C HIS A 429 5.56 10.15 -22.38
N ARG A 430 4.67 10.43 -21.44
CA ARG A 430 4.92 11.59 -20.59
C ARG A 430 6.18 11.44 -19.75
N TRP A 431 6.73 10.22 -19.63
CA TRP A 431 7.95 9.99 -18.85
C TRP A 431 9.19 9.86 -19.72
N ASN A 432 9.08 10.20 -21.01
CA ASN A 432 10.23 10.21 -21.90
C ASN A 432 11.36 11.01 -21.29
N ASN A 433 12.56 10.43 -21.28
CA ASN A 433 13.77 11.05 -20.75
C ASN A 433 13.77 11.02 -19.21
N ASP A 434 12.66 10.66 -18.56
CA ASP A 434 12.56 10.57 -17.10
C ASP A 434 11.88 9.24 -16.72
N SER A 435 12.54 8.13 -17.01
CA SER A 435 11.97 6.80 -16.78
C SER A 435 12.40 6.17 -15.46
N ALA A 436 13.18 6.88 -14.64
CA ALA A 436 13.67 6.32 -13.38
C ALA A 436 12.55 6.22 -12.36
N SER A 437 12.55 5.12 -11.58
CA SER A 437 11.51 4.86 -10.58
C SER A 437 11.20 6.09 -9.71
N SER A 438 12.19 6.97 -9.55
CA SER A 438 12.16 8.21 -8.78
C SER A 438 13.62 8.65 -8.69
N TYR A 439 13.88 9.88 -8.28
CA TYR A 439 15.27 10.29 -8.14
C TYR A 439 15.34 11.51 -7.24
N SER A 440 16.22 11.44 -6.24
CA SER A 440 16.57 12.61 -5.44
C SER A 440 16.98 13.73 -6.37
N VAL A 441 16.12 14.73 -6.52
CA VAL A 441 16.37 15.81 -7.46
C VAL A 441 17.45 16.75 -6.94
N GLY A 442 17.92 16.56 -5.71
CA GLY A 442 19.07 17.26 -5.17
C GLY A 442 19.67 16.66 -3.90
N GLU A 443 19.49 17.36 -2.79
CA GLU A 443 20.13 17.01 -1.52
C GLU A 443 19.42 15.84 -0.83
N GLU A 444 20.14 15.20 0.11
CA GLU A 444 19.70 13.93 0.69
C GLU A 444 19.89 13.91 2.20
N VAL A 445 19.38 12.85 2.82
CA VAL A 445 19.32 12.72 4.28
C VAL A 445 19.18 11.25 4.63
N ASP A 446 19.74 10.86 5.77
CA ASP A 446 19.74 9.48 6.24
C ASP A 446 19.06 9.41 7.60
N TYR A 447 17.95 8.65 7.67
CA TYR A 447 17.22 8.45 8.91
C TYR A 447 17.59 7.13 9.57
N GLY A 448 18.44 6.35 8.93
CA GLY A 448 18.87 5.09 9.48
C GLY A 448 18.91 3.97 8.46
N PHE A 449 18.25 4.13 7.32
CA PHE A 449 18.22 3.05 6.35
C PHE A 449 18.81 3.49 5.01
N GLY A 450 19.59 4.56 5.01
CA GLY A 450 20.28 5.01 3.82
C GLY A 450 19.81 6.39 3.36
N ALA A 451 20.61 7.00 2.50
CA ALA A 451 20.36 8.37 2.06
C ALA A 451 19.21 8.40 1.08
N ILE A 452 18.24 9.26 1.34
CA ILE A 452 17.07 9.41 0.49
C ILE A 452 16.88 10.90 0.28
N SER A 453 16.03 11.23 -0.69
CA SER A 453 15.78 12.64 -1.00
C SER A 453 15.35 13.39 0.25
N LYS A 454 15.90 14.59 0.43
CA LYS A 454 15.58 15.42 1.58
C LYS A 454 14.27 16.20 1.37
N GLY A 455 14.08 16.79 0.19
CA GLY A 455 12.79 17.39 -0.14
C GLY A 455 11.80 16.32 -0.60
N VAL A 456 10.53 16.52 -0.24
CA VAL A 456 9.49 15.60 -0.66
C VAL A 456 8.40 16.38 -1.39
N SER A 457 8.79 17.47 -2.02
CA SER A 457 7.81 18.34 -2.69
C SER A 457 7.46 17.87 -4.09
N SER A 458 8.06 16.79 -4.59
CA SER A 458 7.71 16.27 -5.90
C SER A 458 6.21 16.00 -5.95
N PRO A 459 5.52 16.40 -7.03
CA PRO A 459 4.11 16.03 -7.14
C PRO A 459 3.90 14.54 -7.38
N TYR A 460 4.97 13.83 -7.77
CA TYR A 460 4.96 12.40 -8.03
C TYR A 460 5.66 11.71 -6.87
N LEU A 461 4.91 11.02 -6.02
CA LEU A 461 5.48 10.36 -4.84
C LEU A 461 4.83 9.01 -4.58
N PRO A 462 4.97 8.07 -5.51
CA PRO A 462 4.35 6.74 -5.29
C PRO A 462 4.93 5.96 -4.10
N PHE A 463 6.15 6.26 -3.66
CA PHE A 463 6.75 5.52 -2.56
C PHE A 463 6.88 6.37 -1.31
N GLY A 464 6.22 7.54 -1.29
CA GLY A 464 6.26 8.41 -0.13
C GLY A 464 7.57 9.16 -0.05
N GLY A 465 7.92 9.54 1.17
CA GLY A 465 9.20 10.16 1.43
C GLY A 465 9.36 10.37 2.92
N GLY A 466 10.53 10.91 3.27
CA GLY A 466 10.83 11.07 4.67
C GLY A 466 11.14 9.74 5.32
N ARG A 467 11.06 9.73 6.66
CA ARG A 467 11.56 8.59 7.42
C ARG A 467 10.76 7.32 7.15
N HIS A 468 9.50 7.44 6.73
CA HIS A 468 8.65 6.29 6.47
C HIS A 468 8.66 5.88 5.00
N ARG A 469 9.62 6.36 4.23
CA ARG A 469 9.68 6.09 2.80
C ARG A 469 9.83 4.59 2.52
N CYS A 470 9.16 4.14 1.48
CA CYS A 470 9.25 2.76 1.03
C CYS A 470 10.70 2.37 0.75
N ILE A 471 11.04 1.12 1.08
CA ILE A 471 12.33 0.59 0.68
C ILE A 471 12.19 -0.53 -0.34
N GLY A 472 10.98 -0.84 -0.78
CA GLY A 472 10.76 -1.88 -1.75
C GLY A 472 10.70 -1.41 -3.17
N GLU A 473 10.95 -0.13 -3.41
CA GLU A 473 10.77 0.45 -4.74
C GLU A 473 11.57 -0.29 -5.82
N HIS A 474 12.87 -0.55 -5.57
CA HIS A 474 13.66 -1.19 -6.63
C HIS A 474 13.29 -2.66 -6.76
N PHE A 475 12.90 -3.30 -5.66
CA PHE A 475 12.40 -4.67 -5.80
C PHE A 475 11.09 -4.69 -6.57
N ALA A 476 10.19 -3.74 -6.31
CA ALA A 476 8.93 -3.67 -7.05
C ALA A 476 9.18 -3.49 -8.54
N TYR A 477 10.07 -2.55 -8.92
CA TYR A 477 10.36 -2.37 -10.33
C TYR A 477 11.01 -3.61 -10.93
N CYS A 478 11.86 -4.27 -10.16
CA CYS A 478 12.49 -5.49 -10.66
C CYS A 478 11.46 -6.59 -10.87
N GLN A 479 10.57 -6.76 -9.89
CA GLN A 479 9.55 -7.78 -10.00
C GLN A 479 8.55 -7.47 -11.10
N LEU A 480 8.01 -6.24 -11.13
CA LEU A 480 7.08 -5.88 -12.20
C LEU A 480 7.75 -5.90 -13.56
N GLY A 481 9.04 -5.59 -13.62
CA GLY A 481 9.71 -5.48 -14.90
C GLY A 481 9.92 -6.83 -15.55
N VAL A 482 10.40 -7.81 -14.76
CA VAL A 482 10.51 -9.18 -15.25
C VAL A 482 9.15 -9.70 -15.68
N LEU A 483 8.16 -9.52 -14.81
CA LEU A 483 6.81 -10.02 -15.06
C LEU A 483 6.25 -9.46 -16.37
N MET A 484 6.32 -8.15 -16.56
CA MET A 484 5.75 -7.56 -17.76
C MET A 484 6.60 -7.87 -18.99
N SER A 485 7.93 -7.92 -18.83
CA SER A 485 8.79 -8.33 -19.93
C SER A 485 8.34 -9.66 -20.52
N ILE A 486 8.00 -10.62 -19.65
CA ILE A 486 7.59 -11.95 -20.08
C ILE A 486 6.16 -11.97 -20.61
N PHE A 487 5.25 -11.26 -19.95
CA PHE A 487 3.89 -11.16 -20.46
C PHE A 487 3.90 -10.62 -21.89
N ILE A 488 4.72 -9.58 -22.11
CA ILE A 488 4.74 -8.90 -23.39
C ILE A 488 5.37 -9.78 -24.45
N ARG A 489 6.46 -10.48 -24.10
CA ARG A 489 7.09 -11.35 -25.08
C ARG A 489 6.29 -12.61 -25.39
N THR A 490 5.36 -13.00 -24.52
CA THR A 490 4.64 -14.27 -24.63
C THR A 490 3.21 -14.10 -25.14
N LEU A 491 2.51 -13.04 -24.71
CA LEU A 491 1.08 -12.90 -24.92
C LEU A 491 0.76 -11.54 -25.51
N LYS A 492 -0.34 -11.50 -26.26
CA LYS A 492 -1.12 -10.29 -26.49
C LYS A 492 -2.42 -10.46 -25.72
N TRP A 493 -3.07 -9.35 -25.41
CA TRP A 493 -4.31 -9.47 -24.65
C TRP A 493 -5.20 -8.28 -24.95
N HIS A 494 -6.50 -8.43 -24.69
CA HIS A 494 -7.47 -7.40 -25.04
C HIS A 494 -8.70 -7.62 -24.16
N TYR A 495 -9.71 -6.70 -24.31
CA TYR A 495 -10.92 -6.82 -23.50
C TYR A 495 -11.98 -7.66 -24.20
N PRO A 496 -12.83 -8.36 -23.44
CA PRO A 496 -14.06 -8.88 -24.04
C PRO A 496 -14.87 -7.75 -24.60
N GLU A 497 -15.72 -8.07 -25.57
CA GLU A 497 -16.45 -7.04 -26.31
C GLU A 497 -17.21 -6.12 -25.37
N GLY A 498 -16.97 -4.82 -25.52
CA GLY A 498 -17.64 -3.80 -24.74
C GLY A 498 -17.09 -3.54 -23.36
N LYS A 499 -16.04 -4.24 -22.92
CA LYS A 499 -15.46 -3.98 -21.61
C LYS A 499 -14.28 -3.01 -21.71
N THR A 500 -14.05 -2.27 -20.63
CA THR A 500 -12.97 -1.28 -20.63
C THR A 500 -12.32 -1.30 -19.26
N VAL A 501 -11.38 -0.35 -19.06
CA VAL A 501 -10.65 -0.20 -17.80
C VAL A 501 -11.66 0.02 -16.69
N PRO A 502 -11.71 -0.84 -15.68
CA PRO A 502 -12.67 -0.67 -14.60
C PRO A 502 -12.26 0.48 -13.68
N PRO A 503 -13.19 1.02 -12.91
CA PRO A 503 -12.85 2.09 -11.98
C PRO A 503 -12.25 1.50 -10.72
N PRO A 504 -11.50 2.29 -9.94
CA PRO A 504 -10.87 1.73 -8.74
C PRO A 504 -11.89 1.46 -7.64
N ASP A 505 -11.64 0.41 -6.89
CA ASP A 505 -12.33 0.15 -5.64
C ASP A 505 -11.48 0.72 -4.51
N PHE A 506 -11.95 1.80 -3.90
CA PHE A 506 -11.22 2.48 -2.84
C PHE A 506 -11.55 1.96 -1.43
N THR A 507 -12.45 0.99 -1.30
CA THR A 507 -12.85 0.57 0.04
C THR A 507 -11.89 -0.43 0.65
N SER A 508 -11.01 -1.06 -0.14
CA SER A 508 -10.08 -2.02 0.42
C SER A 508 -8.79 -1.33 0.84
N MET A 509 -7.79 -2.14 1.22
CA MET A 509 -6.50 -1.59 1.64
C MET A 509 -5.83 -0.83 0.50
N VAL A 510 -5.84 -1.40 -0.70
CA VAL A 510 -5.23 -0.76 -1.87
C VAL A 510 -6.31 -0.48 -2.90
N THR A 511 -5.99 0.44 -3.82
CA THR A 511 -6.95 0.93 -4.82
C THR A 511 -6.99 -0.05 -5.98
N LEU A 512 -7.69 -1.12 -5.76
CA LEU A 512 -7.85 -2.25 -6.64
C LEU A 512 -8.85 -1.94 -7.75
N PRO A 513 -8.67 -2.57 -8.92
CA PRO A 513 -9.75 -2.55 -9.91
C PRO A 513 -11.00 -3.20 -9.35
N THR A 514 -12.14 -2.62 -9.69
CA THR A 514 -13.42 -3.25 -9.41
C THR A 514 -13.57 -4.50 -10.27
N GLY A 515 -13.82 -5.64 -9.63
CA GLY A 515 -13.92 -6.90 -10.33
C GLY A 515 -15.32 -7.28 -10.81
N PRO A 516 -15.44 -8.40 -11.55
CA PRO A 516 -14.29 -9.11 -12.11
C PRO A 516 -13.74 -8.36 -13.33
N ALA A 517 -12.46 -8.04 -13.27
CA ALA A 517 -11.76 -7.30 -14.32
C ALA A 517 -11.08 -8.33 -15.21
N LYS A 518 -11.74 -8.69 -16.31
CA LYS A 518 -11.29 -9.79 -17.13
C LYS A 518 -10.60 -9.30 -18.41
N ILE A 519 -9.58 -10.04 -18.83
CA ILE A 519 -8.93 -9.82 -20.12
C ILE A 519 -8.88 -11.16 -20.81
N ILE A 520 -8.74 -11.11 -22.13
CA ILE A 520 -8.58 -12.29 -22.97
C ILE A 520 -7.16 -12.28 -23.48
N TRP A 521 -6.45 -13.38 -23.30
CA TRP A 521 -5.05 -13.47 -23.73
C TRP A 521 -4.93 -14.46 -24.87
N GLU A 522 -3.84 -14.34 -25.63
CA GLU A 522 -3.56 -15.32 -26.68
C GLU A 522 -2.05 -15.37 -26.88
N LYS A 523 -1.55 -16.55 -27.20
CA LYS A 523 -0.12 -16.74 -27.35
C LYS A 523 0.40 -16.05 -28.60
N ARG A 524 1.46 -15.26 -28.44
CA ARG A 524 2.12 -14.67 -29.60
C ARG A 524 2.68 -15.74 -30.50
N ASN A 525 3.13 -16.86 -29.92
CA ASN A 525 3.67 -18.01 -30.65
C ASN A 525 2.88 -19.22 -30.18
N PRO A 526 1.77 -19.56 -30.86
CA PRO A 526 0.88 -20.63 -30.37
C PRO A 526 1.58 -21.97 -30.16
N GLU A 527 2.68 -22.24 -30.85
CA GLU A 527 3.37 -23.51 -30.76
C GLU A 527 4.50 -23.51 -29.73
N GLN A 528 4.79 -22.36 -29.14
CA GLN A 528 5.86 -22.28 -28.15
C GLN A 528 5.53 -23.12 -26.92
N LYS A 529 6.54 -23.81 -26.38
CA LYS A 529 6.34 -24.70 -25.24
C LYS A 529 7.25 -24.30 -24.10
N ILE A 530 6.69 -24.31 -22.89
CA ILE A 530 7.46 -24.03 -21.68
C ILE A 530 7.93 -25.37 -21.12
N GLY A 531 9.25 -25.53 -20.97
CA GLY A 531 9.84 -26.76 -20.50
C GLY A 531 9.70 -26.94 -19.01
N GLY A 532 10.43 -27.92 -18.48
CA GLY A 532 10.30 -28.29 -17.09
C GLY A 532 9.34 -29.44 -16.90
N ARG A 533 9.03 -29.72 -15.63
CA ARG A 533 8.23 -30.89 -15.25
C ARG A 533 6.91 -30.45 -14.59
N HIS A 534 5.80 -30.93 -15.15
CA HIS A 534 4.48 -30.79 -14.52
C HIS A 534 3.56 -31.96 -14.90
CHA HEM B . 6.39 2.18 2.89
CHB HEM B . 4.30 2.30 -1.49
CHC HEM B . 6.23 -1.99 -2.67
CHD HEM B . 7.84 -2.33 1.89
C1A HEM B . 5.69 2.60 1.78
C2A HEM B . 5.05 3.89 1.65
C3A HEM B . 4.48 3.95 0.43
C4A HEM B . 4.73 2.67 -0.23
CMA HEM B . 3.67 5.14 -0.14
CAA HEM B . 5.09 5.00 2.73
CBA HEM B . 3.94 4.83 3.72
CGA HEM B . 3.82 6.09 4.55
O1A HEM B . 2.89 6.16 5.40
O2A HEM B . 4.64 7.02 4.36
C1B HEM B . 4.66 1.17 -2.20
C2B HEM B . 4.35 0.88 -3.61
C3B HEM B . 4.88 -0.31 -3.91
C4B HEM B . 5.54 -0.81 -2.73
CMB HEM B . 3.54 1.83 -4.53
CAB HEM B . 4.90 -1.17 -5.20
CBB HEM B . 4.30 -0.84 -6.34
C1C HEM B . 6.86 -2.45 -1.55
C2C HEM B . 7.65 -3.64 -1.47
C3C HEM B . 8.09 -3.74 -0.21
C4C HEM B . 7.61 -2.60 0.55
CMC HEM B . 7.88 -4.57 -2.69
CAC HEM B . 8.99 -4.83 0.41
CBC HEM B . 9.77 -5.59 -0.38
C1D HEM B . 7.67 -1.12 2.53
C2D HEM B . 8.26 -0.72 3.81
C3D HEM B . 7.86 0.54 4.08
C4D HEM B . 7.01 0.97 2.98
CMD HEM B . 9.18 -1.62 4.68
CAD HEM B . 8.25 1.40 5.32
CBD HEM B . 7.07 1.78 6.18
CGD HEM B . 7.53 2.72 7.26
O1D HEM B . 8.74 3.07 7.30
O2D HEM B . 6.67 3.12 8.09
NA HEM B . 5.47 1.88 0.63
NB HEM B . 5.39 0.11 -1.72
NC HEM B . 6.86 -1.83 -0.31
ND HEM B . 6.91 -0.06 2.07
FE HEM B . 6.30 0.07 0.12
#